data_5NZK
#
_entry.id   5NZK
#
_cell.length_a   72.655
_cell.length_b   107.381
_cell.length_c   151.196
_cell.angle_alpha   90.00
_cell.angle_beta   90.00
_cell.angle_gamma   90.00
#
_symmetry.space_group_name_H-M   'C 2 2 21'
#
loop_
_entity.id
_entity.type
_entity.pdbx_description
1 polymer 'UDP-glucose pyrophosphorylase'
2 non-polymer PHENYLALANINE
3 non-polymer 'SULFATE ION'
4 water water
#
_entity_poly.entity_id   1
_entity_poly.type   'polypeptide(L)'
_entity_poly.pdbx_seq_one_letter_code
;MENDMKSLSAAAQACVKKMRDAKVNEACIRTFIAQHVMVSKGETGSIPDSAIMPVDSLDALDSLTIECDNAVLQSTVVLK
LNGGLGTGMGLCDAKTLLEVKDGKTFLDFTALQVQYLRQHCSEHLRFMLMDSFNTSASTKSFLKARYPWLYQVFDSEVEL
MQNQVPKILQDTLEPAAWAENPAYEWAPPGHGDIYTALYGSGKLQELVEQGYRYMFVSNGDNLGATIDKRVLAYMEKEKI
DFLMEVCRRTESDKKGGHLARQTVYVKGKDGQPDAEKRVLLLRESAQCPKADMESFQDINKYSFFNTNNLWIRLPVLLET
MQEHGGTLPLPVIRNEKTVDSSNSASPKVYQLETAMGAAIAMFESASAIVVPRSRFAPVKTCADLLALRSDAYVVTDDFR
LVLDDRCHGHPPVVDLDSAHYKMMNGFEKLVQHGVPSLVECKRVTVKGLVQFGAGNVLTGTVTIENTDSASAFVIPDGAK
LNDTTASPQQSTNKMRPLEHHHHHH
;
_entity_poly.pdbx_strand_id   A
#
# COMPACT_ATOMS: atom_id res chain seq x y z
N LYS A 6 21.26 -30.73 4.48
CA LYS A 6 20.33 -29.94 5.26
C LYS A 6 18.93 -30.40 5.14
N SER A 7 18.72 -31.39 4.28
CA SER A 7 17.45 -32.02 3.89
C SER A 7 16.66 -31.14 2.98
N LEU A 8 17.32 -30.19 2.35
CA LEU A 8 16.64 -29.37 1.43
C LEU A 8 16.55 -30.05 0.13
N SER A 9 15.68 -29.57 -0.71
CA SER A 9 15.58 -30.07 -2.02
C SER A 9 16.68 -29.49 -2.83
N ALA A 10 16.92 -30.13 -3.93
CA ALA A 10 17.96 -29.66 -4.78
C ALA A 10 17.62 -28.29 -5.30
N ALA A 11 16.38 -28.08 -5.66
CA ALA A 11 15.94 -26.83 -6.15
C ALA A 11 16.08 -25.82 -5.07
N ALA A 12 15.71 -26.19 -3.88
CA ALA A 12 15.86 -25.25 -2.77
C ALA A 12 17.32 -24.94 -2.49
N GLN A 13 18.19 -25.95 -2.59
CA GLN A 13 19.62 -25.71 -2.39
C GLN A 13 20.17 -24.71 -3.40
N ALA A 14 19.73 -24.79 -4.66
CA ALA A 14 20.17 -23.84 -5.67
C ALA A 14 19.76 -22.42 -5.30
N CYS A 15 18.54 -22.24 -4.80
CA CYS A 15 18.09 -20.93 -4.36
C CYS A 15 18.97 -20.38 -3.25
N VAL A 16 19.26 -21.21 -2.24
CA VAL A 16 20.13 -20.78 -1.14
C VAL A 16 21.49 -20.35 -1.69
N LYS A 17 22.06 -21.17 -2.58
CA LYS A 17 23.36 -20.84 -3.16
C LYS A 17 23.30 -19.52 -3.91
N LYS A 18 22.30 -19.35 -4.77
CA LYS A 18 22.20 -18.12 -5.55
C LYS A 18 22.00 -16.91 -4.64
N MET A 19 21.16 -17.04 -3.61
CA MET A 19 20.92 -15.91 -2.71
C MET A 19 22.15 -15.62 -1.86
N ARG A 20 22.88 -16.65 -1.43
CA ARG A 20 24.09 -16.42 -0.64
C ARG A 20 25.20 -15.81 -1.48
N ASP A 21 25.37 -16.29 -2.71
CA ASP A 21 26.33 -15.68 -3.63
C ASP A 21 26.06 -14.19 -3.77
N ALA A 22 24.78 -13.80 -3.87
CA ALA A 22 24.37 -12.41 -4.02
C ALA A 22 24.34 -11.64 -2.71
N LYS A 23 24.76 -12.26 -1.60
CA LYS A 23 24.87 -11.60 -0.29
C LYS A 23 23.51 -11.14 0.24
N VAL A 24 22.45 -11.87 -0.13
CA VAL A 24 21.15 -11.68 0.48
C VAL A 24 21.24 -12.07 1.95
N ASN A 25 20.73 -11.19 2.83
CA ASN A 25 20.78 -11.46 4.26
C ASN A 25 20.03 -12.75 4.58
N GLU A 26 20.45 -13.39 5.67
CA GLU A 26 19.95 -14.73 5.99
C GLU A 26 18.48 -14.72 6.36
N ALA A 27 18.01 -13.67 7.04
CA ALA A 27 16.60 -13.62 7.42
C ALA A 27 15.69 -13.67 6.20
N CYS A 28 16.11 -13.02 5.10
CA CYS A 28 15.36 -13.13 3.86
C CYS A 28 15.43 -14.55 3.29
N ILE A 29 16.59 -15.20 3.39
CA ILE A 29 16.76 -16.53 2.83
C ILE A 29 15.86 -17.53 3.54
N ARG A 30 15.92 -17.55 4.89
CA ARG A 30 15.09 -18.47 5.66
C ARG A 30 13.61 -18.28 5.35
N THR A 31 13.15 -17.03 5.34
CA THR A 31 11.77 -16.74 4.98
C THR A 31 11.42 -17.31 3.61
N PHE A 32 12.28 -17.06 2.62
CA PHE A 32 12.01 -17.53 1.27
C PHE A 32 12.04 -19.04 1.17
N ILE A 33 13.00 -19.68 1.85
CA ILE A 33 13.10 -21.14 1.78
C ILE A 33 11.85 -21.79 2.36
N ALA A 34 11.35 -21.27 3.48
CA ALA A 34 10.12 -21.78 4.06
C ALA A 34 8.96 -21.69 3.08
N GLN A 35 8.83 -20.55 2.40
CA GLN A 35 7.84 -20.43 1.33
C GLN A 35 8.12 -21.41 0.21
N HIS A 36 9.39 -21.57 -0.16
CA HIS A 36 9.77 -22.54 -1.19
C HIS A 36 9.29 -23.94 -0.82
N VAL A 37 9.46 -24.33 0.44
CA VAL A 37 9.03 -25.66 0.89
C VAL A 37 7.52 -25.79 0.77
N MET A 38 6.78 -24.75 1.17
CA MET A 38 5.32 -24.75 1.04
C MET A 38 4.90 -25.03 -0.40
N VAL A 39 5.54 -24.35 -1.35
CA VAL A 39 5.19 -24.54 -2.76
C VAL A 39 5.63 -25.91 -3.24
N SER A 40 6.77 -26.40 -2.73
CA SER A 40 7.20 -27.77 -3.04
C SER A 40 6.13 -28.78 -2.67
N LYS A 41 5.40 -28.51 -1.59
CA LYS A 41 4.36 -29.42 -1.10
C LYS A 41 3.06 -29.33 -1.88
N GLY A 42 2.97 -28.46 -2.89
CA GLY A 42 1.75 -28.30 -3.65
C GLY A 42 0.70 -27.45 -2.98
N GLU A 43 1.11 -26.51 -2.13
CA GLU A 43 0.17 -25.71 -1.36
C GLU A 43 -0.73 -24.87 -2.26
N THR A 44 -2.04 -25.03 -2.10
CA THR A 44 -2.99 -24.31 -2.95
C THR A 44 -3.06 -22.84 -2.58
N GLY A 45 -3.07 -22.54 -1.29
CA GLY A 45 -3.47 -21.24 -0.81
C GLY A 45 -4.96 -21.01 -0.79
N SER A 46 -5.76 -22.01 -1.14
CA SER A 46 -7.20 -21.85 -1.28
C SER A 46 -7.87 -21.59 0.06
N ILE A 47 -8.82 -20.67 0.06
CA ILE A 47 -9.57 -20.36 1.26
C ILE A 47 -11.06 -20.49 0.95
N PRO A 48 -11.64 -21.68 1.10
CA PRO A 48 -13.07 -21.85 0.83
C PRO A 48 -13.91 -21.05 1.83
N ASP A 49 -15.13 -20.69 1.38
CA ASP A 49 -16.07 -20.04 2.28
C ASP A 49 -16.31 -20.87 3.54
N SER A 50 -16.26 -22.20 3.41
CA SER A 50 -16.44 -23.08 4.56
C SER A 50 -15.35 -22.91 5.60
N ALA A 51 -14.20 -22.36 5.23
CA ALA A 51 -13.08 -22.19 6.15
C ALA A 51 -13.11 -20.86 6.88
N ILE A 52 -14.11 -20.01 6.65
CA ILE A 52 -14.16 -18.66 7.20
C ILE A 52 -15.59 -18.34 7.61
N MET A 53 -15.73 -17.25 8.35
CA MET A 53 -17.01 -16.64 8.69
C MET A 53 -16.87 -15.14 8.51
N PRO A 54 -17.97 -14.43 8.29
CA PRO A 54 -17.90 -12.97 8.14
C PRO A 54 -17.63 -12.27 9.47
N VAL A 55 -17.31 -10.99 9.35
CA VAL A 55 -17.19 -10.05 10.46
C VAL A 55 -18.34 -9.05 10.29
N ASP A 56 -19.28 -9.04 11.23
CA ASP A 56 -20.41 -8.13 11.11
C ASP A 56 -20.29 -6.86 11.97
N SER A 57 -19.52 -6.89 13.06
CA SER A 57 -19.41 -5.73 13.93
C SER A 57 -17.95 -5.40 14.21
N LEU A 58 -17.63 -4.10 14.13
CA LEU A 58 -16.32 -3.57 14.46
C LEU A 58 -16.53 -2.16 14.99
N ASP A 59 -15.60 -1.72 15.84
CA ASP A 59 -15.61 -0.33 16.26
C ASP A 59 -15.29 0.57 15.08
N ALA A 60 -15.70 1.82 15.18
CA ALA A 60 -15.58 2.78 14.09
C ALA A 60 -14.73 3.96 14.57
N LEU A 61 -13.80 4.39 13.70
CA LEU A 61 -12.95 5.53 14.05
C LEU A 61 -13.79 6.78 14.31
N ASP A 62 -14.86 6.94 13.57
CA ASP A 62 -15.72 8.08 13.75
C ASP A 62 -16.35 8.13 15.12
N SER A 63 -16.56 6.98 15.72
CA SER A 63 -17.15 6.92 17.05
C SER A 63 -16.14 7.20 18.15
N LEU A 64 -14.85 7.25 17.84
CA LEU A 64 -13.81 7.48 18.83
C LEU A 64 -13.57 8.98 19.02
N THR A 65 -13.09 9.33 20.23
CA THR A 65 -12.84 10.72 20.59
C THR A 65 -11.55 10.97 21.34
N ILE A 66 -11.05 10.02 22.13
CA ILE A 66 -9.94 10.28 23.04
C ILE A 66 -8.62 10.26 22.28
N GLU A 67 -7.83 11.31 22.45
CA GLU A 67 -6.50 11.40 21.87
C GLU A 67 -5.48 10.94 22.89
N CYS A 68 -4.54 10.11 22.45
CA CYS A 68 -3.42 9.76 23.31
C CYS A 68 -2.62 11.02 23.64
N ASP A 69 -1.79 10.92 24.68
CA ASP A 69 -0.91 12.03 24.99
C ASP A 69 0.34 11.95 24.11
N ASN A 70 1.18 12.98 24.21
CA ASN A 70 2.33 13.08 23.31
C ASN A 70 3.40 12.06 23.60
N ALA A 71 3.43 11.49 24.80
CA ALA A 71 4.41 10.46 25.13
C ALA A 71 4.30 9.27 24.18
N VAL A 72 3.07 8.90 23.82
CA VAL A 72 2.87 7.78 22.90
C VAL A 72 3.50 8.10 21.55
N LEU A 73 3.33 9.33 21.07
CA LEU A 73 3.91 9.72 19.79
C LEU A 73 5.43 9.71 19.82
N GLN A 74 6.03 9.95 20.99
CA GLN A 74 7.49 9.85 21.12
C GLN A 74 7.98 8.42 20.89
N SER A 75 7.10 7.43 21.02
CA SER A 75 7.44 6.02 20.81
C SER A 75 6.82 5.47 19.53
N THR A 76 6.55 6.33 18.56
CA THR A 76 5.88 5.92 17.33
C THR A 76 6.81 6.10 16.14
N VAL A 77 6.75 5.15 15.21
CA VAL A 77 7.48 5.20 13.95
C VAL A 77 6.46 5.25 12.83
N VAL A 78 6.55 6.26 11.97
CA VAL A 78 5.76 6.29 10.75
C VAL A 78 6.59 5.66 9.65
N LEU A 79 6.02 4.64 8.99
CA LEU A 79 6.69 3.97 7.88
C LEU A 79 5.79 4.06 6.66
N LYS A 80 6.34 4.60 5.57
CA LYS A 80 5.64 4.73 4.31
C LYS A 80 6.22 3.74 3.31
N LEU A 81 5.35 2.93 2.70
CA LEU A 81 5.78 2.08 1.60
C LEU A 81 6.15 2.96 0.41
N ASN A 82 7.33 2.71 -0.17
CA ASN A 82 7.85 3.60 -1.20
C ASN A 82 8.62 2.83 -2.27
N GLY A 83 8.24 1.59 -2.54
CA GLY A 83 8.90 0.82 -3.58
C GLY A 83 8.28 0.95 -4.96
N GLY A 84 7.09 1.54 -5.04
CA GLY A 84 6.36 1.55 -6.29
C GLY A 84 6.85 2.64 -7.24
N LEU A 85 6.86 2.32 -8.52
CA LEU A 85 7.11 3.28 -9.57
C LEU A 85 5.79 3.83 -10.09
N GLY A 86 5.86 4.92 -10.84
CA GLY A 86 4.69 5.42 -11.51
C GLY A 86 4.42 4.66 -12.80
N THR A 87 4.63 3.34 -12.75
CA THR A 87 4.43 2.51 -13.93
C THR A 87 3.08 2.76 -14.57
N GLY A 88 2.02 2.74 -13.76
CA GLY A 88 0.67 2.94 -14.29
C GLY A 88 0.54 4.23 -15.09
N MET A 89 1.10 5.31 -14.56
CA MET A 89 1.13 6.60 -15.25
C MET A 89 2.19 6.66 -16.34
N GLY A 90 2.80 5.54 -16.72
CA GLY A 90 3.87 5.56 -17.69
C GLY A 90 5.15 6.15 -17.12
N LEU A 91 5.11 6.56 -15.86
CA LEU A 91 6.31 7.01 -15.16
C LEU A 91 7.21 5.81 -14.89
N CYS A 92 8.51 6.07 -14.85
CA CYS A 92 9.48 5.02 -14.55
C CYS A 92 10.32 5.36 -13.32
N ASP A 93 9.87 6.32 -12.50
CA ASP A 93 10.53 6.59 -11.23
C ASP A 93 9.53 6.62 -10.07
N ALA A 94 9.99 7.02 -8.89
CA ALA A 94 9.24 6.80 -7.65
C ALA A 94 7.92 7.56 -7.65
N LYS A 95 6.83 6.85 -7.35
CA LYS A 95 5.50 7.43 -7.42
C LYS A 95 5.31 8.56 -6.42
N THR A 96 5.94 8.47 -5.25
CA THR A 96 5.78 9.50 -4.23
C THR A 96 6.44 10.83 -4.61
N LEU A 97 7.24 10.87 -5.67
CA LEU A 97 7.82 12.11 -6.15
C LEU A 97 6.92 12.79 -7.19
N LEU A 98 5.72 12.27 -7.39
CA LEU A 98 4.77 12.90 -8.30
C LEU A 98 4.17 14.14 -7.65
N GLU A 99 4.11 15.24 -8.37
CA GLU A 99 3.51 16.45 -7.81
C GLU A 99 2.04 16.23 -7.52
N VAL A 100 1.63 16.43 -6.26
CA VAL A 100 0.25 16.25 -5.87
C VAL A 100 -0.52 17.56 -5.84
N LYS A 101 0.11 18.66 -5.43
CA LYS A 101 -0.58 19.92 -5.18
C LYS A 101 0.40 21.03 -4.86
N ASP A 102 0.26 22.14 -5.55
CA ASP A 102 1.05 23.36 -5.30
C ASP A 102 2.53 23.02 -5.20
N GLY A 103 3.01 22.28 -6.20
CA GLY A 103 4.40 21.91 -6.26
C GLY A 103 4.87 20.92 -5.21
N LYS A 104 3.99 20.39 -4.39
CA LYS A 104 4.37 19.39 -3.40
C LYS A 104 4.02 17.99 -3.89
N THR A 105 4.79 17.01 -3.41
CA THR A 105 4.61 15.60 -3.74
C THR A 105 3.93 14.90 -2.57
N PHE A 106 3.62 13.60 -2.75
CA PHE A 106 3.25 12.78 -1.60
C PHE A 106 4.34 12.83 -0.53
N LEU A 107 5.60 12.84 -0.95
CA LEU A 107 6.73 12.83 -0.01
C LEU A 107 6.83 14.14 0.74
N ASP A 108 6.60 15.26 0.07
CA ASP A 108 6.55 16.55 0.76
C ASP A 108 5.53 16.53 1.89
N PHE A 109 4.31 16.06 1.59
CA PHE A 109 3.23 16.11 2.57
C PHE A 109 3.53 15.24 3.78
N THR A 110 4.01 14.02 3.55
CA THR A 110 4.38 13.17 4.67
C THR A 110 5.48 13.82 5.52
N ALA A 111 6.54 14.31 4.87
CA ALA A 111 7.63 14.96 5.60
C ALA A 111 7.15 16.19 6.35
N LEU A 112 6.30 17.00 5.71
CA LEU A 112 5.76 18.18 6.38
C LEU A 112 4.91 17.78 7.58
N GLN A 113 4.09 16.74 7.43
CA GLN A 113 3.30 16.22 8.55
C GLN A 113 4.21 15.74 9.68
N VAL A 114 5.24 14.97 9.34
CA VAL A 114 6.18 14.48 10.36
C VAL A 114 6.85 15.64 11.07
N GLN A 115 7.28 16.66 10.30
CA GLN A 115 7.91 17.83 10.89
C GLN A 115 6.95 18.58 11.80
N TYR A 116 5.69 18.73 11.39
CA TYR A 116 4.71 19.41 12.22
C TYR A 116 4.52 18.72 13.56
N LEU A 117 4.41 17.38 13.54
CA LEU A 117 4.25 16.63 14.78
C LEU A 117 5.49 16.73 15.66
N ARG A 118 6.67 16.72 15.05
CA ARG A 118 7.89 16.86 15.83
C ARG A 118 7.98 18.21 16.51
N GLN A 119 7.60 19.27 15.78
CA GLN A 119 7.69 20.62 16.34
C GLN A 119 6.69 20.84 17.46
N HIS A 120 5.49 20.25 17.34
CA HIS A 120 4.39 20.55 18.25
C HIS A 120 4.07 19.44 19.23
N CYS A 121 4.39 18.19 18.91
CA CYS A 121 3.96 17.06 19.73
C CYS A 121 5.09 16.19 20.25
N SER A 122 6.00 15.82 19.39
CA SER A 122 7.07 14.97 19.82
C SER A 122 8.25 14.96 18.93
N GLU A 123 9.39 15.38 19.41
CA GLU A 123 10.58 15.41 18.60
C GLU A 123 11.16 14.06 18.25
N HIS A 124 10.85 13.05 19.03
CA HIS A 124 11.32 11.72 18.82
C HIS A 124 10.58 10.87 17.83
N LEU A 125 9.46 11.36 17.36
CA LEU A 125 8.70 10.64 16.35
C LEU A 125 9.59 10.31 15.16
N ARG A 126 9.66 9.03 14.81
CA ARG A 126 10.56 8.51 13.80
C ARG A 126 9.85 8.34 12.46
N PHE A 127 10.57 8.59 11.38
CA PHE A 127 10.02 8.51 10.03
C PHE A 127 10.87 7.56 9.21
N MET A 128 10.25 6.53 8.67
CA MET A 128 10.95 5.57 7.82
C MET A 128 10.27 5.45 6.47
N LEU A 129 11.08 5.08 5.47
CA LEU A 129 10.63 4.85 4.11
C LEU A 129 11.13 3.49 3.68
N MET A 130 10.24 2.65 3.17
CA MET A 130 10.63 1.36 2.61
C MET A 130 10.86 1.54 1.11
N ASP A 131 12.12 1.39 0.69
CA ASP A 131 12.51 1.63 -0.68
C ASP A 131 12.86 0.31 -1.37
N SER A 132 12.82 0.35 -2.69
CA SER A 132 13.38 -0.67 -3.54
C SER A 132 14.64 -0.12 -4.20
N PHE A 133 15.31 -0.99 -4.97
CA PHE A 133 16.45 -0.50 -5.75
C PHE A 133 16.01 0.56 -6.76
N ASN A 134 14.76 0.51 -7.21
CA ASN A 134 14.29 1.45 -8.22
C ASN A 134 13.92 2.82 -7.68
N THR A 135 13.64 2.94 -6.37
CA THR A 135 13.24 4.21 -5.80
C THR A 135 14.29 4.83 -4.87
N SER A 136 15.32 4.08 -4.47
CA SER A 136 16.23 4.54 -3.42
C SER A 136 16.93 5.84 -3.80
N ALA A 137 17.62 5.85 -4.94
CA ALA A 137 18.43 7.01 -5.32
C ALA A 137 17.58 8.26 -5.48
N SER A 138 16.49 8.17 -6.25
CA SER A 138 15.60 9.31 -6.41
C SER A 138 15.00 9.75 -5.09
N THR A 139 14.76 8.82 -4.15
CA THR A 139 14.26 9.18 -2.83
C THR A 139 15.34 9.86 -1.99
N LYS A 140 16.61 9.59 -2.25
CA LYS A 140 17.68 10.23 -1.51
C LYS A 140 17.92 11.67 -1.97
N SER A 141 17.98 11.90 -3.29
CA SER A 141 18.35 13.23 -3.78
C SER A 141 17.27 14.28 -3.49
N PHE A 142 15.99 13.89 -3.59
CA PHE A 142 14.88 14.80 -3.26
C PHE A 142 14.95 15.21 -1.79
N LEU A 143 15.15 14.25 -0.89
CA LEU A 143 15.34 14.58 0.52
C LEU A 143 16.56 15.47 0.70
N LYS A 144 17.67 15.11 0.07
CA LYS A 144 18.86 15.95 0.07
C LYS A 144 18.53 17.38 -0.35
N ALA A 145 17.72 17.52 -1.41
CA ALA A 145 17.38 18.84 -1.90
C ALA A 145 16.39 19.57 -1.00
N ARG A 146 15.48 18.84 -0.35
CA ARG A 146 14.33 19.47 0.28
C ARG A 146 14.15 19.23 1.77
N TYR A 147 14.70 18.15 2.34
CA TYR A 147 14.56 17.89 3.77
C TYR A 147 15.89 17.38 4.30
N PRO A 148 16.84 18.29 4.52
CA PRO A 148 18.19 17.87 4.92
C PRO A 148 18.23 17.09 6.22
N TRP A 149 17.35 17.42 7.18
CA TRP A 149 17.30 16.68 8.43
C TRP A 149 16.95 15.21 8.19
N LEU A 150 16.20 14.92 7.13
CA LEU A 150 15.95 13.53 6.77
C LEU A 150 17.14 12.94 6.02
N TYR A 151 17.82 13.76 5.22
CA TYR A 151 18.94 13.27 4.43
C TYR A 151 20.10 12.84 5.32
N GLN A 152 20.41 13.62 6.35
CA GLN A 152 21.57 13.33 7.19
C GLN A 152 21.51 11.94 7.78
N VAL A 153 20.31 11.46 8.13
CA VAL A 153 20.12 10.15 8.74
C VAL A 153 19.42 9.18 7.78
N PHE A 154 19.51 9.42 6.47
CA PHE A 154 18.79 8.57 5.51
C PHE A 154 19.23 7.11 5.64
N ASP A 155 20.54 6.86 5.57
CA ASP A 155 21.02 5.48 5.64
C ASP A 155 20.86 4.90 7.04
N SER A 156 21.07 5.70 8.07
CA SER A 156 21.12 5.18 9.43
C SER A 156 19.73 4.96 10.01
N GLU A 157 18.78 5.84 9.73
CA GLU A 157 17.48 5.79 10.39
C GLU A 157 16.29 5.69 9.44
N VAL A 158 16.35 6.33 8.28
CA VAL A 158 15.16 6.55 7.47
C VAL A 158 14.87 5.37 6.56
N GLU A 159 15.85 4.93 5.78
CA GLU A 159 15.58 3.99 4.70
C GLU A 159 15.53 2.55 5.19
N LEU A 160 14.53 1.82 4.71
CA LEU A 160 14.46 0.38 4.84
C LEU A 160 14.46 -0.20 3.42
N MET A 161 15.44 -1.05 3.13
CA MET A 161 15.59 -1.59 1.77
C MET A 161 14.78 -2.87 1.62
N GLN A 162 13.92 -2.90 0.62
CA GLN A 162 13.14 -4.11 0.34
C GLN A 162 14.05 -5.20 -0.20
N ASN A 163 13.82 -6.42 0.25
CA ASN A 163 14.57 -7.56 -0.24
C ASN A 163 14.18 -7.87 -1.68
N GLN A 164 15.00 -8.70 -2.33
CA GLN A 164 14.70 -9.29 -3.62
C GLN A 164 14.98 -10.78 -3.54
N VAL A 165 14.12 -11.58 -4.16
CA VAL A 165 14.24 -13.03 -4.07
C VAL A 165 14.21 -13.60 -5.48
N PRO A 166 14.74 -14.81 -5.68
CA PRO A 166 14.81 -15.38 -7.03
C PRO A 166 13.45 -15.86 -7.51
N LYS A 167 13.13 -15.52 -8.76
CA LYS A 167 12.05 -16.20 -9.45
C LYS A 167 12.46 -17.64 -9.74
N ILE A 168 11.52 -18.56 -9.60
CA ILE A 168 11.82 -19.98 -9.75
C ILE A 168 10.99 -20.54 -10.90
N LEU A 169 11.57 -21.50 -11.60
CA LEU A 169 10.88 -22.14 -12.71
C LEU A 169 9.68 -22.93 -12.20
N GLN A 170 8.59 -22.87 -12.96
CA GLN A 170 7.36 -23.55 -12.53
C GLN A 170 7.52 -25.06 -12.51
N ASP A 171 8.30 -25.63 -13.45
CA ASP A 171 8.35 -27.08 -13.54
C ASP A 171 9.30 -27.69 -12.51
N THR A 172 10.45 -27.06 -12.27
CA THR A 172 11.46 -27.62 -11.39
C THR A 172 11.61 -26.89 -10.06
N LEU A 173 11.09 -25.66 -9.96
CA LEU A 173 11.25 -24.80 -8.78
C LEU A 173 12.69 -24.33 -8.60
N GLU A 174 13.51 -24.43 -9.64
CA GLU A 174 14.87 -23.95 -9.59
C GLU A 174 14.94 -22.47 -9.93
N PRO A 175 15.98 -21.76 -9.49
CA PRO A 175 16.12 -20.36 -9.88
C PRO A 175 16.14 -20.21 -11.38
N ALA A 176 15.22 -19.39 -11.90
CA ALA A 176 15.20 -19.15 -13.33
C ALA A 176 16.44 -18.37 -13.76
N ALA A 177 16.87 -18.63 -14.99
CA ALA A 177 18.02 -17.96 -15.57
C ALA A 177 17.57 -17.20 -16.82
N TRP A 178 17.99 -15.93 -16.93
CA TRP A 178 17.65 -15.09 -18.07
C TRP A 178 18.90 -14.29 -18.44
N ALA A 179 19.77 -14.90 -19.26
CA ALA A 179 21.03 -14.28 -19.62
C ALA A 179 20.82 -12.92 -20.29
N GLU A 180 19.74 -12.78 -21.05
CA GLU A 180 19.44 -11.52 -21.74
C GLU A 180 19.44 -10.35 -20.77
N ASN A 181 18.90 -10.53 -19.57
CA ASN A 181 18.90 -9.48 -18.55
C ASN A 181 18.86 -10.17 -17.18
N PRO A 182 20.02 -10.38 -16.57
CA PRO A 182 20.05 -11.13 -15.30
C PRO A 182 19.20 -10.52 -14.20
N ALA A 183 18.96 -9.21 -14.24
CA ALA A 183 18.13 -8.57 -13.21
C ALA A 183 16.72 -9.14 -13.20
N TYR A 184 16.20 -9.55 -14.37
CA TYR A 184 14.89 -10.17 -14.42
C TYR A 184 14.83 -11.51 -13.69
N GLU A 185 15.97 -12.07 -13.25
CA GLU A 185 15.95 -13.26 -12.41
C GLU A 185 15.45 -13.00 -10.99
N TRP A 186 15.30 -11.73 -10.61
CA TRP A 186 14.94 -11.33 -9.24
C TRP A 186 13.64 -10.53 -9.27
N ALA A 187 12.94 -10.55 -8.13
CA ALA A 187 11.65 -9.86 -8.02
C ALA A 187 11.43 -9.51 -6.56
N PRO A 188 10.70 -8.42 -6.29
CA PRO A 188 10.36 -8.11 -4.89
C PRO A 188 9.40 -9.13 -4.33
N PRO A 189 9.38 -9.32 -3.01
CA PRO A 189 8.49 -10.32 -2.41
C PRO A 189 7.16 -9.79 -1.87
N GLY A 190 6.61 -8.70 -2.41
CA GLY A 190 5.40 -8.09 -1.90
C GLY A 190 5.67 -7.23 -0.68
N HIS A 191 4.65 -6.47 -0.25
CA HIS A 191 4.83 -5.64 0.93
C HIS A 191 4.87 -6.46 2.21
N GLY A 192 4.54 -7.76 2.13
CA GLY A 192 4.81 -8.64 3.25
C GLY A 192 6.26 -8.68 3.66
N ASP A 193 7.18 -8.34 2.73
CA ASP A 193 8.61 -8.35 3.02
C ASP A 193 8.99 -7.40 4.16
N ILE A 194 8.14 -6.41 4.47
CA ILE A 194 8.48 -5.40 5.46
C ILE A 194 8.95 -6.03 6.76
N TYR A 195 8.25 -7.07 7.23
CA TYR A 195 8.64 -7.75 8.45
C TYR A 195 10.01 -8.41 8.29
N THR A 196 10.20 -9.13 7.18
CA THR A 196 11.48 -9.74 6.89
C THR A 196 12.59 -8.70 6.86
N ALA A 197 12.33 -7.54 6.24
CA ALA A 197 13.33 -6.49 6.14
C ALA A 197 13.60 -5.86 7.50
N LEU A 198 12.55 -5.51 8.24
CA LEU A 198 12.72 -4.90 9.56
C LEU A 198 13.56 -5.79 10.48
N TYR A 199 13.25 -7.08 10.50
CA TYR A 199 13.99 -8.03 11.34
C TYR A 199 15.41 -8.22 10.83
N GLY A 200 15.54 -8.60 9.60
CA GLY A 200 16.78 -8.95 9.00
C GLY A 200 17.78 -7.89 8.99
N SER A 201 17.37 -6.67 8.83
CA SER A 201 18.31 -5.60 8.78
C SER A 201 18.79 -5.18 10.09
N GLY A 202 18.18 -5.70 11.11
CA GLY A 202 18.53 -5.35 12.44
C GLY A 202 17.76 -4.21 13.01
N LYS A 203 16.94 -3.62 12.20
CA LYS A 203 16.12 -2.51 12.60
C LYS A 203 15.02 -2.71 13.58
N LEU A 204 14.34 -3.83 13.55
CA LEU A 204 13.30 -4.04 14.48
C LEU A 204 13.82 -4.02 15.86
N GLN A 205 14.95 -4.64 16.11
CA GLN A 205 15.52 -4.63 17.43
C GLN A 205 16.01 -3.30 17.86
N GLU A 206 16.60 -2.53 16.98
CA GLU A 206 17.04 -1.24 17.38
C GLU A 206 15.91 -0.36 17.80
N LEU A 207 14.84 -0.37 17.03
CA LEU A 207 13.67 0.44 17.37
C LEU A 207 13.10 0.05 18.71
N VAL A 208 12.98 -1.26 18.97
CA VAL A 208 12.52 -1.71 20.28
C VAL A 208 13.51 -1.30 21.36
N GLU A 209 14.80 -1.51 21.11
CA GLU A 209 15.84 -1.17 22.09
C GLU A 209 15.78 0.31 22.44
N GLN A 210 15.57 1.17 21.45
CA GLN A 210 15.43 2.60 21.72
C GLN A 210 14.11 2.95 22.39
N GLY A 211 13.23 1.97 22.59
CA GLY A 211 11.99 2.18 23.29
C GLY A 211 10.80 2.52 22.42
N TYR A 212 10.91 2.39 21.10
CA TYR A 212 9.77 2.64 20.22
C TYR A 212 8.77 1.48 20.35
N ARG A 213 7.50 1.84 20.49
CA ARG A 213 6.44 0.88 20.79
C ARG A 213 5.48 0.66 19.64
N TYR A 214 5.20 1.68 18.83
CA TYR A 214 4.20 1.60 17.77
C TYR A 214 4.80 2.00 16.44
N MET A 215 4.44 1.25 15.40
CA MET A 215 4.74 1.63 14.02
C MET A 215 3.43 1.71 13.24
N PHE A 216 3.25 2.82 12.53
CA PHE A 216 2.11 3.03 11.64
C PHE A 216 2.61 2.86 10.21
N VAL A 217 2.11 1.84 9.52
CA VAL A 217 2.52 1.53 8.15
C VAL A 217 1.38 1.85 7.20
N SER A 218 1.71 2.41 6.04
CA SER A 218 0.73 2.72 5.02
C SER A 218 1.44 3.01 3.70
N ASN A 219 0.65 3.17 2.66
CA ASN A 219 1.19 3.43 1.33
C ASN A 219 1.71 4.85 1.23
N GLY A 220 2.84 5.01 0.54
CA GLY A 220 3.33 6.34 0.23
C GLY A 220 2.37 7.14 -0.63
N ASP A 221 1.59 6.47 -1.48
CA ASP A 221 0.66 7.14 -2.37
C ASP A 221 -0.75 7.29 -1.79
N ASN A 222 -0.94 6.97 -0.51
CA ASN A 222 -2.23 7.16 0.16
C ASN A 222 -2.11 8.35 1.09
N LEU A 223 -2.45 9.53 0.57
CA LEU A 223 -2.41 10.75 1.37
C LEU A 223 -3.46 10.80 2.47
N GLY A 224 -4.45 9.91 2.44
CA GLY A 224 -5.39 9.84 3.54
C GLY A 224 -4.84 9.25 4.81
N ALA A 225 -3.71 8.55 4.74
CA ALA A 225 -3.18 7.77 5.85
C ALA A 225 -2.27 8.64 6.70
N THR A 226 -2.87 9.31 7.68
CA THR A 226 -2.16 10.22 8.56
C THR A 226 -2.31 9.75 10.01
N ILE A 227 -1.35 10.13 10.84
CA ILE A 227 -1.39 9.83 12.27
C ILE A 227 -2.69 10.36 12.85
N ASP A 228 -3.49 9.46 13.42
CA ASP A 228 -4.69 9.83 14.17
C ASP A 228 -4.47 9.41 15.61
N LYS A 229 -4.36 10.40 16.51
CA LYS A 229 -4.04 10.12 17.91
C LYS A 229 -5.12 9.29 18.59
N ARG A 230 -6.33 9.25 18.04
CA ARG A 230 -7.38 8.41 18.62
C ARG A 230 -7.10 6.93 18.41
N VAL A 231 -6.46 6.57 17.29
CA VAL A 231 -6.10 5.17 17.07
C VAL A 231 -5.05 4.73 18.10
N LEU A 232 -4.11 5.59 18.44
CA LEU A 232 -3.09 5.23 19.42
C LEU A 232 -3.69 5.06 20.80
N ALA A 233 -4.60 5.96 21.20
CA ALA A 233 -5.32 5.79 22.46
C ALA A 233 -6.07 4.46 22.48
N TYR A 234 -6.75 4.14 21.38
CA TYR A 234 -7.53 2.91 21.27
C TYR A 234 -6.64 1.68 21.44
N MET A 235 -5.47 1.67 20.81
CA MET A 235 -4.54 0.56 20.97
C MET A 235 -4.02 0.46 22.39
N GLU A 236 -3.80 1.60 23.05
CA GLU A 236 -3.38 1.60 24.43
C GLU A 236 -4.47 1.05 25.34
N LYS A 237 -5.70 1.53 25.15
CA LYS A 237 -6.81 1.14 26.01
C LYS A 237 -7.11 -0.34 25.87
N GLU A 238 -7.30 -0.81 24.63
CA GLU A 238 -7.71 -2.19 24.38
C GLU A 238 -6.55 -3.17 24.32
N LYS A 239 -5.33 -2.72 24.59
CA LYS A 239 -4.14 -3.59 24.57
C LYS A 239 -4.04 -4.35 23.25
N ILE A 240 -4.14 -3.62 22.15
CA ILE A 240 -4.06 -4.21 20.81
C ILE A 240 -2.61 -4.26 20.37
N ASP A 241 -2.21 -5.37 19.75
CA ASP A 241 -0.87 -5.53 19.20
C ASP A 241 -0.83 -5.33 17.70
N PHE A 242 -1.95 -5.49 17.02
CA PHE A 242 -2.02 -5.33 15.57
C PHE A 242 -3.40 -4.81 15.22
N LEU A 243 -3.48 -3.63 14.62
CA LEU A 243 -4.73 -2.99 14.27
C LEU A 243 -4.76 -2.71 12.78
N MET A 244 -5.81 -3.15 12.11
CA MET A 244 -5.97 -2.96 10.67
C MET A 244 -7.16 -2.02 10.44
N GLU A 245 -6.89 -0.89 9.78
CA GLU A 245 -7.95 0.02 9.37
C GLU A 245 -8.64 -0.56 8.14
N VAL A 246 -9.94 -0.69 8.21
CA VAL A 246 -10.72 -1.22 7.13
C VAL A 246 -11.79 -0.25 6.73
N CYS A 247 -12.27 -0.42 5.55
CA CYS A 247 -13.26 0.40 5.00
C CYS A 247 -14.39 -0.41 4.51
N ARG A 248 -15.55 0.23 4.47
CA ARG A 248 -16.75 -0.44 4.00
C ARG A 248 -16.65 -0.70 2.51
N ARG A 249 -17.01 -1.91 2.12
CA ARG A 249 -17.02 -2.28 0.74
C ARG A 249 -18.22 -1.84 -0.03
N THR A 250 -17.99 -1.38 -1.25
CA THR A 250 -18.99 -0.89 -2.17
C THR A 250 -18.90 -1.62 -3.47
N GLU A 251 -19.88 -1.45 -4.34
CA GLU A 251 -19.95 -2.19 -5.60
C GLU A 251 -18.62 -2.15 -6.34
N SER A 252 -17.97 -0.99 -6.36
CA SER A 252 -16.66 -0.87 -7.00
C SER A 252 -15.61 -1.74 -6.34
N ASP A 253 -15.81 -2.13 -5.08
CA ASP A 253 -14.83 -2.87 -4.30
C ASP A 253 -15.03 -4.38 -4.36
N LYS A 254 -16.06 -4.85 -5.06
CA LYS A 254 -16.46 -6.26 -4.94
C LYS A 254 -15.41 -7.22 -5.50
N LYS A 255 -14.49 -6.74 -6.33
CA LYS A 255 -13.38 -7.55 -6.81
C LYS A 255 -12.18 -7.55 -5.87
N GLY A 256 -12.12 -6.63 -4.93
CA GLY A 256 -11.04 -6.59 -3.97
C GLY A 256 -11.24 -7.55 -2.82
N GLY A 257 -10.16 -7.77 -2.09
CA GLY A 257 -10.18 -8.63 -0.93
C GLY A 257 -11.11 -8.11 0.16
N HIS A 258 -11.32 -8.96 1.16
CA HIS A 258 -12.20 -8.62 2.27
C HIS A 258 -11.66 -9.24 3.55
N LEU A 259 -12.06 -8.66 4.67
CA LEU A 259 -11.74 -9.21 5.98
C LEU A 259 -12.65 -10.41 6.28
N ALA A 260 -12.14 -11.33 7.11
CA ALA A 260 -12.93 -12.48 7.52
C ALA A 260 -12.47 -12.99 8.88
N ARG A 261 -13.32 -13.81 9.49
CA ARG A 261 -13.08 -14.50 10.74
C ARG A 261 -12.71 -15.95 10.46
N GLN A 262 -12.01 -16.57 11.41
CA GLN A 262 -11.56 -17.94 11.23
C GLN A 262 -11.28 -18.54 12.61
N THR A 263 -11.72 -19.78 12.81
CA THR A 263 -11.50 -20.48 14.07
C THR A 263 -10.40 -21.51 13.86
N VAL A 264 -9.34 -21.40 14.67
CA VAL A 264 -8.21 -22.30 14.55
C VAL A 264 -8.04 -23.08 15.85
N TYR A 265 -7.47 -24.26 15.73
CA TYR A 265 -7.17 -25.05 16.86
C TYR A 265 -5.72 -25.36 16.69
N VAL A 266 -4.91 -25.09 17.68
CA VAL A 266 -3.52 -25.31 17.55
C VAL A 266 -2.89 -26.29 18.50
N LYS A 267 -2.15 -27.23 17.96
CA LYS A 267 -1.50 -28.21 18.78
C LYS A 267 -0.36 -27.58 19.55
N GLY A 268 -0.35 -27.79 20.84
CA GLY A 268 0.70 -27.22 21.64
C GLY A 268 2.06 -27.82 21.41
N LYS A 269 3.07 -26.98 21.40
CA LYS A 269 4.39 -27.49 21.21
C LYS A 269 5.03 -27.68 22.54
N ASP A 270 5.53 -28.90 22.72
CA ASP A 270 6.15 -29.31 23.97
C ASP A 270 5.15 -29.08 25.10
N GLY A 271 5.57 -28.40 26.13
CA GLY A 271 4.67 -28.18 27.25
C GLY A 271 3.69 -27.05 27.10
N GLN A 272 2.76 -27.21 26.20
CA GLN A 272 1.79 -26.22 26.04
C GLN A 272 0.49 -26.92 25.87
N PRO A 273 -0.57 -26.32 26.35
CA PRO A 273 -1.86 -26.94 26.17
C PRO A 273 -2.40 -26.69 24.77
N ASP A 274 -3.36 -27.50 24.36
CA ASP A 274 -3.97 -27.30 23.07
C ASP A 274 -4.91 -26.11 23.13
N ALA A 275 -4.89 -25.33 22.07
CA ALA A 275 -5.53 -24.03 22.04
C ALA A 275 -6.48 -23.91 20.85
N GLU A 276 -7.72 -23.50 21.13
CA GLU A 276 -8.71 -23.15 20.13
C GLU A 276 -8.95 -21.65 20.23
N LYS A 277 -8.72 -20.92 19.15
CA LYS A 277 -8.87 -19.48 19.16
C LYS A 277 -9.44 -19.00 17.84
N ARG A 278 -9.87 -17.73 17.83
CA ARG A 278 -10.41 -17.07 16.65
C ARG A 278 -9.43 -16.03 16.15
N VAL A 279 -9.20 -16.00 14.84
CA VAL A 279 -8.27 -15.05 14.25
C VAL A 279 -8.97 -14.28 13.14
N LEU A 280 -8.49 -13.06 12.91
CA LEU A 280 -8.84 -12.29 11.74
C LEU A 280 -7.93 -12.68 10.59
N LEU A 281 -8.42 -12.49 9.36
CA LEU A 281 -7.59 -12.76 8.20
C LEU A 281 -8.16 -12.04 6.99
N LEU A 282 -7.38 -12.06 5.92
CA LEU A 282 -7.72 -11.46 4.64
C LEU A 282 -7.91 -12.59 3.62
N ARG A 283 -8.93 -12.46 2.76
CA ARG A 283 -9.05 -13.35 1.62
C ARG A 283 -9.05 -12.55 0.33
N GLU A 284 -8.22 -12.98 -0.60
CA GLU A 284 -8.11 -12.36 -1.91
C GLU A 284 -8.88 -13.15 -2.96
N SER A 285 -9.01 -12.53 -4.14
CA SER A 285 -9.69 -13.18 -5.27
C SER A 285 -8.98 -14.48 -5.67
N ALA A 286 -7.66 -14.43 -5.82
CA ALA A 286 -6.91 -15.63 -6.21
C ALA A 286 -7.14 -16.78 -5.22
N GLN A 287 -7.03 -16.50 -3.92
CA GLN A 287 -7.32 -17.50 -2.90
C GLN A 287 -8.77 -17.97 -2.89
N CYS A 288 -9.68 -17.27 -3.48
CA CYS A 288 -11.03 -17.74 -3.37
C CYS A 288 -11.38 -18.70 -4.43
N PRO A 289 -11.96 -19.83 -4.07
CA PRO A 289 -12.34 -20.82 -5.02
C PRO A 289 -13.49 -20.33 -5.80
N LYS A 290 -13.56 -20.96 -6.93
CA LYS A 290 -14.46 -20.66 -7.95
C LYS A 290 -15.90 -20.70 -7.56
N ALA A 291 -16.34 -21.69 -6.82
CA ALA A 291 -17.75 -21.72 -6.47
C ALA A 291 -18.25 -20.66 -5.53
N ASP A 292 -17.39 -20.11 -4.71
CA ASP A 292 -17.80 -19.10 -3.79
C ASP A 292 -17.65 -17.72 -4.34
N MET A 293 -17.25 -17.59 -5.58
CA MET A 293 -17.09 -16.24 -6.09
C MET A 293 -18.30 -15.37 -5.85
N GLU A 294 -19.48 -15.92 -5.97
CA GLU A 294 -20.62 -15.10 -5.76
C GLU A 294 -20.55 -14.59 -4.39
N SER A 295 -20.19 -15.45 -3.47
CA SER A 295 -20.11 -15.14 -2.05
C SER A 295 -19.08 -14.12 -1.77
N PHE A 296 -17.98 -14.22 -2.45
CA PHE A 296 -16.91 -13.31 -2.33
C PHE A 296 -17.26 -11.89 -2.69
N GLN A 297 -18.13 -11.72 -3.68
CA GLN A 297 -18.55 -10.44 -4.11
C GLN A 297 -19.77 -9.94 -3.39
N ASP A 298 -20.22 -10.60 -2.36
CA ASP A 298 -21.35 -10.11 -1.66
C ASP A 298 -20.89 -9.21 -0.61
N ILE A 299 -21.02 -7.93 -0.88
CA ILE A 299 -20.63 -6.90 0.04
C ILE A 299 -21.38 -6.86 1.31
N ASN A 300 -22.58 -7.31 1.28
CA ASN A 300 -23.26 -7.39 2.50
C ASN A 300 -22.75 -8.51 3.37
N LYS A 301 -22.36 -9.62 2.79
CA LYS A 301 -21.83 -10.68 3.57
C LYS A 301 -20.47 -10.33 4.06
N TYR A 302 -19.60 -9.87 3.20
CA TYR A 302 -18.29 -9.46 3.65
C TYR A 302 -18.19 -8.01 3.36
N SER A 303 -18.25 -7.22 4.37
CA SER A 303 -18.31 -5.83 4.15
C SER A 303 -17.14 -4.93 4.34
N PHE A 304 -16.01 -5.47 4.68
CA PHE A 304 -14.86 -4.66 4.91
C PHE A 304 -13.68 -5.10 4.10
N PHE A 305 -12.84 -4.17 3.71
CA PHE A 305 -11.64 -4.43 2.96
C PHE A 305 -10.47 -3.73 3.57
N ASN A 306 -9.29 -4.27 3.41
CA ASN A 306 -8.09 -3.73 4.03
C ASN A 306 -7.61 -2.48 3.30
N THR A 307 -7.33 -1.42 4.05
CA THR A 307 -6.78 -0.18 3.52
C THR A 307 -5.26 -0.20 3.42
N ASN A 308 -4.61 -1.19 4.01
CA ASN A 308 -3.15 -1.23 4.22
C ASN A 308 -2.68 -0.10 5.11
N ASN A 309 -3.57 0.47 5.92
CA ASN A 309 -3.20 1.31 7.06
C ASN A 309 -3.11 0.40 8.27
N LEU A 310 -1.88 0.17 8.76
CA LEU A 310 -1.64 -0.85 9.77
C LEU A 310 -0.94 -0.24 10.97
N TRP A 311 -1.30 -0.71 12.17
CA TRP A 311 -0.74 -0.21 13.42
C TRP A 311 -0.22 -1.41 14.21
N ILE A 312 1.07 -1.41 14.52
CA ILE A 312 1.74 -2.60 15.03
C ILE A 312 2.51 -2.25 16.31
N ARG A 313 2.39 -3.13 17.31
CA ARG A 313 3.17 -3.06 18.54
C ARG A 313 4.51 -3.73 18.26
N LEU A 314 5.57 -2.93 18.10
CA LEU A 314 6.89 -3.44 17.73
C LEU A 314 7.43 -4.52 18.67
N PRO A 315 7.42 -4.36 19.99
CA PRO A 315 7.98 -5.42 20.85
C PRO A 315 7.30 -6.78 20.67
N VAL A 316 5.98 -6.79 20.47
CA VAL A 316 5.28 -8.05 20.23
C VAL A 316 5.67 -8.61 18.87
N LEU A 317 5.85 -7.76 17.86
CA LEU A 317 6.31 -8.21 16.56
C LEU A 317 7.67 -8.87 16.66
N LEU A 318 8.61 -8.21 17.34
CA LEU A 318 9.93 -8.80 17.58
C LEU A 318 9.78 -10.15 18.26
N GLU A 319 8.98 -10.20 19.33
CA GLU A 319 8.76 -11.46 20.03
C GLU A 319 8.25 -12.54 19.09
N THR A 320 7.10 -12.30 18.44
CA THR A 320 6.49 -13.28 17.55
C THR A 320 7.48 -13.79 16.50
N MET A 321 8.21 -12.89 15.85
CA MET A 321 9.18 -13.31 14.85
C MET A 321 10.30 -14.14 15.47
N GLN A 322 10.71 -13.81 16.70
CA GLN A 322 11.75 -14.60 17.36
C GLN A 322 11.26 -16.01 17.68
N GLU A 323 10.00 -16.13 18.12
CA GLU A 323 9.44 -17.45 18.40
C GLU A 323 9.31 -18.31 17.14
N HIS A 324 9.27 -17.69 15.97
CA HIS A 324 9.13 -18.41 14.71
C HIS A 324 10.46 -18.62 14.00
N GLY A 325 11.57 -18.45 14.70
CA GLY A 325 12.87 -18.63 14.07
C GLY A 325 13.40 -17.42 13.34
N GLY A 326 13.07 -16.21 13.80
CA GLY A 326 13.51 -15.02 13.12
C GLY A 326 12.78 -14.73 11.84
N THR A 327 11.51 -15.13 11.74
CA THR A 327 10.73 -14.97 10.52
C THR A 327 9.25 -14.85 10.87
N LEU A 328 8.45 -14.48 9.88
CA LEU A 328 7.01 -14.37 10.02
C LEU A 328 6.37 -15.19 8.91
N PRO A 329 5.65 -16.29 9.23
CA PRO A 329 5.06 -17.21 8.22
C PRO A 329 3.72 -16.75 7.62
N LEU A 330 3.79 -15.84 6.64
CA LEU A 330 2.57 -15.37 6.02
C LEU A 330 2.14 -16.32 4.91
N PRO A 331 0.85 -16.35 4.57
CA PRO A 331 0.41 -17.07 3.37
C PRO A 331 1.21 -16.60 2.16
N VAL A 332 1.70 -17.56 1.36
CA VAL A 332 2.53 -17.27 0.19
C VAL A 332 1.63 -17.15 -1.03
N ILE A 333 1.79 -16.08 -1.79
CA ILE A 333 1.09 -15.88 -3.05
C ILE A 333 2.04 -16.27 -4.18
N ARG A 334 1.52 -17.04 -5.12
CA ARG A 334 2.34 -17.68 -6.16
C ARG A 334 2.05 -17.00 -7.49
N ASN A 335 2.66 -15.82 -7.67
CA ASN A 335 2.51 -15.07 -8.91
C ASN A 335 3.04 -15.89 -10.09
N GLU A 336 2.21 -16.08 -11.10
CA GLU A 336 2.58 -16.82 -12.30
C GLU A 336 2.90 -15.83 -13.41
N LYS A 337 4.15 -15.83 -13.86
CA LYS A 337 4.58 -14.95 -14.94
C LYS A 337 5.62 -15.69 -15.78
N THR A 338 6.24 -14.95 -16.68
CA THR A 338 7.43 -15.36 -17.42
C THR A 338 8.59 -14.50 -16.93
N VAL A 339 9.82 -15.03 -17.01
CA VAL A 339 10.98 -14.31 -16.48
C VAL A 339 11.00 -12.89 -17.00
N ASP A 340 10.88 -12.74 -18.31
CA ASP A 340 10.62 -11.46 -18.94
C ASP A 340 9.11 -11.34 -19.12
N SER A 341 8.49 -10.47 -18.34
CA SER A 341 7.07 -10.20 -18.51
C SER A 341 6.74 -9.87 -19.96
N SER A 342 7.65 -9.18 -20.66
CA SER A 342 7.42 -8.75 -22.03
C SER A 342 7.44 -9.91 -23.02
N ASN A 343 8.15 -11.00 -22.72
CA ASN A 343 8.34 -12.10 -23.65
C ASN A 343 7.51 -13.28 -23.20
N SER A 344 6.44 -13.57 -23.95
CA SER A 344 5.57 -14.69 -23.62
C SER A 344 6.29 -16.03 -23.76
N ALA A 345 7.33 -16.10 -24.58
CA ALA A 345 8.09 -17.34 -24.78
C ALA A 345 9.19 -17.55 -23.76
N SER A 346 9.43 -16.61 -22.86
CA SER A 346 10.44 -16.81 -21.85
C SER A 346 9.94 -17.78 -20.78
N PRO A 347 10.85 -18.46 -20.08
CA PRO A 347 10.45 -19.50 -19.12
C PRO A 347 9.40 -19.04 -18.12
N LYS A 348 8.38 -19.87 -17.93
CA LYS A 348 7.34 -19.58 -16.96
C LYS A 348 7.87 -19.78 -15.55
N VAL A 349 7.54 -18.83 -14.66
CA VAL A 349 8.11 -18.80 -13.32
C VAL A 349 7.02 -18.54 -12.30
N TYR A 350 7.35 -18.82 -11.05
CA TYR A 350 6.59 -18.33 -9.90
C TYR A 350 7.40 -17.23 -9.22
N GLN A 351 6.71 -16.16 -8.82
CA GLN A 351 7.28 -15.14 -7.96
C GLN A 351 6.55 -15.21 -6.63
N LEU A 352 7.29 -15.51 -5.56
CA LEU A 352 6.68 -15.70 -4.24
C LEU A 352 6.59 -14.36 -3.52
N GLU A 353 5.40 -14.06 -3.00
CA GLU A 353 5.18 -12.79 -2.31
C GLU A 353 4.21 -12.98 -1.16
N THR A 354 4.22 -12.02 -0.24
CA THR A 354 3.28 -12.01 0.88
C THR A 354 2.69 -10.61 1.02
N ALA A 355 1.54 -10.54 1.70
CA ALA A 355 0.83 -9.29 1.94
C ALA A 355 1.05 -8.90 3.39
N MET A 356 1.50 -7.66 3.61
CA MET A 356 1.75 -7.23 4.98
C MET A 356 0.49 -7.25 5.82
N GLY A 357 -0.67 -7.12 5.19
CA GLY A 357 -1.94 -7.24 5.90
C GLY A 357 -2.24 -8.65 6.39
N ALA A 358 -1.62 -9.67 5.78
CA ALA A 358 -1.83 -11.05 6.25
C ALA A 358 -1.34 -11.25 7.67
N ALA A 359 -0.44 -10.39 8.16
CA ALA A 359 0.09 -10.53 9.52
C ALA A 359 -0.98 -10.40 10.59
N ILE A 360 -2.18 -9.92 10.24
CA ILE A 360 -3.24 -9.77 11.24
C ILE A 360 -3.58 -11.11 11.88
N ALA A 361 -3.39 -12.21 11.14
CA ALA A 361 -3.67 -13.55 11.66
C ALA A 361 -2.59 -14.05 12.60
N MET A 362 -1.48 -13.34 12.76
CA MET A 362 -0.33 -13.81 13.52
C MET A 362 -0.33 -13.32 14.96
N PHE A 363 -1.30 -12.49 15.36
CA PHE A 363 -1.30 -11.87 16.67
C PHE A 363 -2.57 -12.22 17.43
N GLU A 364 -2.40 -12.52 18.71
CA GLU A 364 -3.54 -12.85 19.57
C GLU A 364 -4.40 -11.62 19.85
N SER A 365 -3.75 -10.49 20.11
CA SER A 365 -4.45 -9.22 20.29
C SER A 365 -4.47 -8.45 18.97
N ALA A 366 -5.19 -9.02 18.01
CA ALA A 366 -5.36 -8.43 16.69
C ALA A 366 -6.78 -7.89 16.56
N SER A 367 -6.91 -6.71 15.96
CA SER A 367 -8.22 -6.11 15.77
C SER A 367 -8.26 -5.37 14.44
N ALA A 368 -9.49 -5.00 14.06
CA ALA A 368 -9.75 -4.18 12.89
C ALA A 368 -10.76 -3.11 13.27
N ILE A 369 -10.63 -1.95 12.65
CA ILE A 369 -11.46 -0.79 12.96
C ILE A 369 -11.93 -0.18 11.65
N VAL A 370 -13.21 0.18 11.60
CA VAL A 370 -13.78 0.78 10.39
C VAL A 370 -13.44 2.27 10.36
N VAL A 371 -12.86 2.71 9.27
CA VAL A 371 -12.46 4.11 9.12
C VAL A 371 -13.15 4.67 7.88
N PRO A 372 -13.38 5.98 7.84
CA PRO A 372 -13.98 6.57 6.64
C PRO A 372 -13.04 6.50 5.45
N ARG A 373 -13.65 6.55 4.26
CA ARG A 373 -12.88 6.34 3.03
C ARG A 373 -11.90 7.47 2.75
N SER A 374 -12.03 8.60 3.44
CA SER A 374 -11.04 9.67 3.30
C SER A 374 -9.64 9.21 3.70
N ARG A 375 -9.56 8.21 4.58
CA ARG A 375 -8.28 7.61 4.96
C ARG A 375 -7.79 6.58 3.94
N PHE A 376 -8.56 6.32 2.88
CA PHE A 376 -8.15 5.42 1.81
C PHE A 376 -8.32 6.19 0.50
N ALA A 377 -7.33 7.00 0.17
CA ALA A 377 -7.35 7.80 -1.06
C ALA A 377 -6.07 7.57 -1.86
N PRO A 378 -5.81 6.34 -2.29
CA PRO A 378 -4.65 6.13 -3.18
C PRO A 378 -4.83 6.87 -4.48
N VAL A 379 -3.74 7.43 -5.01
CA VAL A 379 -3.73 7.97 -6.35
C VAL A 379 -3.23 6.85 -7.26
N LYS A 380 -4.15 6.18 -7.94
CA LYS A 380 -3.77 5.13 -8.87
C LYS A 380 -3.83 5.58 -10.33
N THR A 381 -4.59 6.64 -10.63
CA THR A 381 -4.74 7.12 -11.99
C THR A 381 -4.52 8.62 -12.03
N CYS A 382 -4.26 9.13 -13.24
CA CYS A 382 -4.24 10.58 -13.45
C CYS A 382 -5.58 11.23 -13.14
N ALA A 383 -6.68 10.48 -13.23
CA ALA A 383 -7.97 10.98 -12.78
C ALA A 383 -7.92 11.34 -11.29
N ASP A 384 -7.44 10.41 -10.46
CA ASP A 384 -7.23 10.70 -9.04
C ASP A 384 -6.35 11.93 -8.87
N LEU A 385 -5.31 12.04 -9.67
CA LEU A 385 -4.38 13.17 -9.55
C LEU A 385 -5.06 14.49 -9.86
N LEU A 386 -5.95 14.51 -10.86
CA LEU A 386 -6.65 15.74 -11.23
C LEU A 386 -7.51 16.25 -10.08
N ALA A 387 -8.29 15.35 -9.47
CA ALA A 387 -9.10 15.74 -8.31
C ALA A 387 -8.23 16.37 -7.23
N LEU A 388 -7.17 15.67 -6.81
CA LEU A 388 -6.29 16.17 -5.76
C LEU A 388 -5.74 17.55 -6.08
N ARG A 389 -5.31 17.77 -7.33
CA ARG A 389 -4.71 19.05 -7.68
C ARG A 389 -5.73 20.18 -7.67
N SER A 390 -6.99 19.87 -7.99
CA SER A 390 -8.02 20.89 -8.04
C SER A 390 -8.29 21.46 -6.65
N ASP A 391 -9.08 22.53 -6.62
CA ASP A 391 -9.51 23.22 -5.40
C ASP A 391 -10.52 22.42 -4.59
N ALA A 392 -10.83 21.18 -5.01
CA ALA A 392 -11.63 20.31 -4.19
C ALA A 392 -10.91 19.94 -2.89
N TYR A 393 -9.58 19.90 -2.92
CA TYR A 393 -8.76 19.60 -1.76
C TYR A 393 -8.01 20.85 -1.31
N VAL A 394 -7.83 20.98 0.00
CA VAL A 394 -7.10 22.09 0.59
C VAL A 394 -6.09 21.51 1.59
N VAL A 395 -5.11 22.32 1.95
CA VAL A 395 -4.05 21.91 2.86
C VAL A 395 -4.32 22.50 4.24
N THR A 396 -4.35 21.62 5.24
CA THR A 396 -4.58 22.03 6.62
C THR A 396 -3.34 22.71 7.20
N ASP A 397 -3.45 23.16 8.45
CA ASP A 397 -2.30 23.72 9.15
C ASP A 397 -1.25 22.64 9.42
N ASP A 398 -1.68 21.44 9.79
CA ASP A 398 -0.78 20.31 10.02
C ASP A 398 -0.40 19.60 8.72
N PHE A 399 -0.65 20.25 7.58
CA PHE A 399 -0.22 19.78 6.28
C PHE A 399 -0.91 18.49 5.85
N ARG A 400 -2.17 18.36 6.19
CA ARG A 400 -2.99 17.28 5.66
C ARG A 400 -3.77 17.78 4.44
N LEU A 401 -4.16 16.83 3.59
CA LEU A 401 -4.94 17.12 2.40
C LEU A 401 -6.36 16.63 2.64
N VAL A 402 -7.30 17.56 2.72
CA VAL A 402 -8.69 17.23 3.02
C VAL A 402 -9.59 17.92 2.00
N LEU A 403 -10.76 17.32 1.78
CA LEU A 403 -11.76 17.93 0.92
C LEU A 403 -12.18 19.28 1.47
N ASP A 404 -12.33 20.25 0.58
CA ASP A 404 -12.98 21.51 0.93
C ASP A 404 -14.36 21.22 1.49
N ASP A 405 -14.83 22.11 2.36
CA ASP A 405 -16.12 21.88 3.02
C ASP A 405 -17.28 21.85 2.03
N ARG A 406 -17.17 22.61 0.93
CA ARG A 406 -18.23 22.64 -0.07
C ARG A 406 -18.45 21.30 -0.74
N CYS A 407 -17.51 20.35 -0.62
CA CYS A 407 -17.70 19.01 -1.15
C CYS A 407 -18.58 18.14 -0.27
N HIS A 408 -18.83 18.55 0.98
CA HIS A 408 -19.66 17.80 1.92
C HIS A 408 -19.16 16.36 2.05
N GLY A 409 -17.84 16.20 2.16
CA GLY A 409 -17.24 14.89 2.31
C GLY A 409 -17.32 14.00 1.09
N HIS A 410 -17.83 14.50 -0.03
CA HIS A 410 -17.89 13.73 -1.27
C HIS A 410 -16.91 14.29 -2.28
N PRO A 411 -15.91 13.52 -2.71
CA PRO A 411 -14.96 14.02 -3.71
C PRO A 411 -15.57 14.02 -5.10
N PRO A 412 -15.11 14.91 -5.97
CA PRO A 412 -15.55 14.86 -7.37
C PRO A 412 -15.15 13.55 -8.02
N VAL A 413 -16.09 12.95 -8.73
CA VAL A 413 -15.81 11.76 -9.51
C VAL A 413 -15.18 12.20 -10.83
N VAL A 414 -14.01 11.64 -11.14
CA VAL A 414 -13.27 12.04 -12.33
C VAL A 414 -13.06 10.81 -13.20
N ASP A 415 -13.55 10.87 -14.44
CA ASP A 415 -13.38 9.81 -15.44
C ASP A 415 -12.66 10.41 -16.63
N LEU A 416 -11.35 10.14 -16.73
CA LEU A 416 -10.52 10.63 -17.82
C LEU A 416 -10.37 9.53 -18.87
N ASP A 417 -10.43 9.94 -20.14
CA ASP A 417 -10.34 9.00 -21.24
C ASP A 417 -8.98 8.29 -21.19
N SER A 418 -9.02 6.96 -21.13
CA SER A 418 -7.79 6.20 -20.98
C SER A 418 -6.90 6.34 -22.21
N ALA A 419 -7.47 6.64 -23.37
CA ALA A 419 -6.67 6.67 -24.59
C ALA A 419 -5.63 7.79 -24.56
N HIS A 420 -5.95 8.89 -23.89
CA HIS A 420 -5.08 10.08 -23.92
C HIS A 420 -4.51 10.48 -22.57
N TYR A 421 -5.17 10.16 -21.45
CA TYR A 421 -4.80 10.68 -20.14
C TYR A 421 -4.38 9.60 -19.15
N LYS A 422 -4.24 8.35 -19.59
CA LYS A 422 -3.69 7.34 -18.69
C LYS A 422 -2.21 7.61 -18.42
N MET A 423 -1.51 8.16 -19.41
CA MET A 423 -0.11 8.52 -19.25
C MET A 423 0.00 9.94 -18.70
N MET A 424 0.94 10.12 -17.77
CA MET A 424 1.26 11.47 -17.30
C MET A 424 1.59 12.40 -18.46
N ASN A 425 2.20 11.84 -19.52
CA ASN A 425 2.46 12.56 -20.75
C ASN A 425 1.22 13.28 -21.25
N GLY A 426 0.16 12.50 -21.56
CA GLY A 426 -1.06 13.11 -22.05
C GLY A 426 -1.76 13.95 -20.99
N PHE A 427 -1.69 13.52 -19.73
CA PHE A 427 -2.42 14.21 -18.67
C PHE A 427 -1.90 15.62 -18.44
N GLU A 428 -0.57 15.82 -18.51
CA GLU A 428 -0.03 17.15 -18.26
C GLU A 428 -0.34 18.12 -19.40
N LYS A 429 -0.48 17.62 -20.63
CA LYS A 429 -1.02 18.43 -21.72
C LYS A 429 -2.43 18.92 -21.39
N LEU A 430 -3.26 18.03 -20.84
CA LEU A 430 -4.67 18.35 -20.63
C LEU A 430 -4.84 19.52 -19.67
N VAL A 431 -4.01 19.59 -18.64
CA VAL A 431 -4.05 20.65 -17.65
C VAL A 431 -2.94 21.68 -17.89
N GLN A 432 -2.39 21.70 -19.11
CA GLN A 432 -1.22 22.54 -19.42
C GLN A 432 -1.48 24.01 -19.09
N HIS A 433 -2.67 24.52 -19.39
CA HIS A 433 -3.00 25.93 -19.20
C HIS A 433 -3.70 26.18 -17.86
N GLY A 434 -4.00 25.14 -17.10
CA GLY A 434 -4.55 25.31 -15.78
C GLY A 434 -5.33 24.09 -15.34
N VAL A 435 -5.57 24.03 -14.03
CA VAL A 435 -6.37 22.97 -13.43
C VAL A 435 -7.77 23.55 -13.21
N PRO A 436 -8.80 22.96 -13.80
CA PRO A 436 -10.15 23.51 -13.64
C PRO A 436 -10.63 23.38 -12.20
N SER A 437 -11.46 24.34 -11.78
CA SER A 437 -12.09 24.27 -10.47
C SER A 437 -13.06 23.10 -10.45
N LEU A 438 -12.84 22.17 -9.54
CA LEU A 438 -13.70 21.03 -9.41
C LEU A 438 -14.37 20.93 -8.07
N VAL A 439 -14.30 21.96 -7.28
CA VAL A 439 -14.89 21.94 -5.97
C VAL A 439 -16.38 21.73 -6.00
N GLU A 440 -17.04 22.27 -6.99
CA GLU A 440 -18.44 22.12 -7.13
C GLU A 440 -18.89 21.12 -8.15
N CYS A 441 -18.02 20.30 -8.64
CA CYS A 441 -18.40 19.37 -9.64
C CYS A 441 -18.67 18.02 -9.09
N LYS A 442 -19.80 17.51 -9.35
CA LYS A 442 -20.13 16.16 -8.94
C LYS A 442 -19.39 15.09 -9.74
N ARG A 443 -19.41 15.25 -11.06
CA ARG A 443 -18.73 14.34 -11.93
C ARG A 443 -18.24 15.05 -13.17
N VAL A 444 -17.00 14.84 -13.53
CA VAL A 444 -16.45 15.32 -14.79
C VAL A 444 -15.98 14.11 -15.58
N THR A 445 -16.39 14.05 -16.84
CA THR A 445 -16.01 12.98 -17.75
C THR A 445 -15.36 13.61 -18.97
N VAL A 446 -14.23 13.07 -19.40
CA VAL A 446 -13.49 13.59 -20.54
C VAL A 446 -13.28 12.45 -21.53
N LYS A 447 -13.80 12.62 -22.73
CA LYS A 447 -13.65 11.66 -23.81
C LYS A 447 -12.92 12.32 -24.97
N GLY A 448 -11.95 11.62 -25.55
CA GLY A 448 -11.20 12.19 -26.65
C GLY A 448 -10.17 13.20 -26.17
N LEU A 449 -9.49 13.80 -27.14
CA LEU A 449 -8.40 14.72 -26.87
C LEU A 449 -8.95 16.10 -26.50
N VAL A 450 -8.57 16.58 -25.32
CA VAL A 450 -9.10 17.81 -24.75
C VAL A 450 -7.97 18.57 -24.07
N GLN A 451 -8.10 19.89 -24.01
CA GLN A 451 -7.22 20.73 -23.20
C GLN A 451 -8.07 21.73 -22.43
N PHE A 452 -7.85 21.81 -21.12
CA PHE A 452 -8.51 22.82 -20.32
C PHE A 452 -7.89 24.19 -20.59
N GLY A 453 -8.71 25.21 -20.41
CA GLY A 453 -8.23 26.57 -20.43
C GLY A 453 -7.98 27.09 -19.02
N ALA A 454 -7.36 28.26 -18.96
CA ALA A 454 -7.18 28.92 -17.68
C ALA A 454 -8.52 29.43 -17.16
N GLY A 455 -8.72 29.33 -15.85
CA GLY A 455 -9.93 29.86 -15.26
C GLY A 455 -11.19 29.06 -15.49
N ASN A 456 -11.09 27.84 -16.00
CA ASN A 456 -12.27 27.00 -16.17
C ASN A 456 -12.84 26.60 -14.82
N VAL A 457 -14.14 26.63 -14.70
CA VAL A 457 -14.84 26.24 -13.52
C VAL A 457 -15.94 25.28 -13.85
N LEU A 458 -15.98 24.14 -13.19
CA LEU A 458 -16.97 23.12 -13.44
C LEU A 458 -17.89 22.82 -12.28
N THR A 459 -19.18 22.76 -12.55
CA THR A 459 -20.16 22.46 -11.56
C THR A 459 -21.13 21.42 -12.02
N GLY A 460 -21.70 20.69 -11.11
CA GLY A 460 -22.60 19.65 -11.49
C GLY A 460 -21.95 18.53 -12.22
N THR A 461 -22.66 17.94 -13.16
CA THR A 461 -22.16 16.81 -13.93
C THR A 461 -21.77 17.32 -15.31
N VAL A 462 -20.47 17.30 -15.61
CA VAL A 462 -19.95 17.84 -16.86
C VAL A 462 -19.30 16.71 -17.65
N THR A 463 -19.68 16.60 -18.92
CA THR A 463 -18.99 15.75 -19.88
C THR A 463 -18.34 16.64 -20.93
N ILE A 464 -17.09 16.37 -21.27
CA ILE A 464 -16.40 17.06 -22.35
C ILE A 464 -15.98 16.00 -23.36
N GLU A 465 -16.54 16.08 -24.56
CA GLU A 465 -16.47 15.00 -25.53
C GLU A 465 -16.03 15.54 -26.89
N ASN A 466 -14.97 14.99 -27.45
CA ASN A 466 -14.45 15.35 -28.76
C ASN A 466 -14.24 14.14 -29.64
N THR A 467 -14.92 14.14 -30.79
CA THR A 467 -14.88 13.10 -31.85
C THR A 467 -13.70 12.90 -32.76
N ASP A 468 -13.02 13.95 -33.20
CA ASP A 468 -11.90 13.70 -34.09
C ASP A 468 -10.61 13.65 -33.35
N SER A 469 -9.86 12.61 -33.63
CA SER A 469 -8.63 12.31 -32.93
C SER A 469 -7.51 13.32 -32.94
N ALA A 470 -7.28 14.01 -34.03
CA ALA A 470 -6.19 14.95 -34.02
C ALA A 470 -6.68 16.36 -33.88
N SER A 471 -7.89 16.50 -33.43
CA SER A 471 -8.45 17.81 -33.34
C SER A 471 -7.78 18.78 -32.47
N ALA A 472 -7.53 18.31 -31.25
CA ALA A 472 -7.10 19.09 -30.08
C ALA A 472 -8.17 20.07 -29.70
N PHE A 473 -9.21 19.63 -29.05
CA PHE A 473 -10.29 20.52 -28.65
C PHE A 473 -9.97 21.25 -27.37
N VAL A 474 -9.87 22.54 -27.44
CA VAL A 474 -9.49 23.35 -26.33
C VAL A 474 -10.57 24.19 -25.76
N ILE A 475 -10.78 24.06 -24.46
CA ILE A 475 -11.83 24.82 -23.77
C ILE A 475 -11.43 26.29 -23.70
N PRO A 476 -12.31 27.22 -24.03
CA PRO A 476 -12.00 28.64 -23.85
C PRO A 476 -11.63 28.96 -22.41
N ASP A 477 -10.80 29.99 -22.24
CA ASP A 477 -10.41 30.43 -20.91
C ASP A 477 -11.58 31.11 -20.22
N GLY A 478 -11.66 30.91 -18.90
CA GLY A 478 -12.75 31.46 -18.12
C GLY A 478 -14.08 30.79 -18.30
N ALA A 479 -14.14 29.71 -19.09
CA ALA A 479 -15.42 29.06 -19.37
C ALA A 479 -15.95 28.34 -18.13
N LYS A 480 -17.25 28.38 -17.95
CA LYS A 480 -17.89 27.75 -16.85
C LYS A 480 -18.89 26.77 -17.34
N LEU A 481 -18.74 25.51 -16.98
CA LEU A 481 -19.65 24.50 -17.44
C LEU A 481 -20.50 23.96 -16.34
N ASN A 482 -21.81 23.97 -16.51
CA ASN A 482 -22.72 23.46 -15.49
C ASN A 482 -23.70 22.48 -16.13
N ASP A 483 -23.66 21.25 -15.65
CA ASP A 483 -24.52 20.23 -16.11
C ASP A 483 -24.62 20.13 -17.59
N THR A 484 -23.51 20.00 -18.24
CA THR A 484 -23.54 20.03 -19.64
C THR A 484 -22.58 19.17 -20.30
N THR A 485 -22.80 19.01 -21.57
CA THR A 485 -21.86 18.30 -22.42
C THR A 485 -21.25 19.31 -23.39
N ALA A 486 -19.93 19.45 -23.35
CA ALA A 486 -19.22 20.41 -24.20
C ALA A 486 -18.51 19.64 -25.31
N SER A 487 -18.92 19.89 -26.54
CA SER A 487 -18.31 19.33 -27.74
C SER A 487 -17.81 20.47 -28.63
N PRO A 488 -16.89 20.19 -29.56
CA PRO A 488 -16.45 21.27 -30.43
C PRO A 488 -17.35 21.45 -31.66
#